data_3USN
#
_entry.id   3USN
#
_cell.length_a   1.000
_cell.length_b   1.000
_cell.length_c   1.000
_cell.angle_alpha   90.00
_cell.angle_beta   90.00
_cell.angle_gamma   90.00
#
_symmetry.space_group_name_H-M   'P 1'
#
loop_
_entity.id
_entity.type
_entity.pdbx_description
1 polymer STROMELYSIN-1
2 non-polymer 'ZINC ION'
3 non-polymer 'CALCIUM ION'
4 non-polymer 2-[3-(5-MERCAPTO-[1,3,4]THIADIAZOL-2-YL)-UREIDO]-N-METHYL-3-PHENYL-PROPIONAMIDE
5 water water
#
_entity_poly.entity_id   1
_entity_poly.type   'polypeptide(L)'
_entity_poly.pdbx_seq_one_letter_code
;FRTFPGIPKWRKTHLTYRIVNYTPDLPKDAVDSAVEKALKVWEEVTPLTFSRLYEGEADIMISFAVREHGDFYPFDGPGN
VLAHAYAPGPGINGDAHFDDDEQWTKDTTGTNLFLVAAHEIGHSLGLFHSANTEALMYPLYHSLTDLTRFRLSQDDINGI
QSLYGPPP
;
_entity_poly.pdbx_strand_id   A
#
loop_
_chem_comp.id
_chem_comp.type
_chem_comp.name
_chem_comp.formula
ATT non-polymer 2-[3-(5-MERCAPTO-[1,3,4]THIADIAZOL-2-YL)-UREIDO]-N-METHYL-3-PHENYL-PROPIONAMIDE 'C13 H15 N5 O2 S2'
CA non-polymer 'CALCIUM ION' 'Ca 2'
ZN non-polymer 'ZINC ION' 'Zn 2'
#
# COMPACT_ATOMS: atom_id res chain seq x y z
N PHE A 1 -15.00 7.34 2.56
CA PHE A 1 -14.19 6.21 3.01
C PHE A 1 -15.04 4.95 3.36
N ARG A 2 -14.43 3.73 3.19
CA ARG A 2 -15.08 2.43 3.54
C ARG A 2 -14.07 1.46 4.18
N THR A 3 -14.48 0.60 5.09
CA THR A 3 -13.56 -0.39 5.72
C THR A 3 -14.05 -1.81 5.39
N PHE A 4 -13.11 -2.78 5.41
CA PHE A 4 -13.33 -4.22 5.11
C PHE A 4 -14.41 -4.83 6.12
N PRO A 5 -15.20 -5.91 5.82
CA PRO A 5 -16.16 -6.47 6.79
C PRO A 5 -15.64 -6.78 8.19
N GLY A 6 -16.24 -6.20 9.21
CA GLY A 6 -15.77 -6.38 10.62
C GLY A 6 -14.80 -5.33 11.21
N ILE A 7 -14.21 -4.47 10.39
CA ILE A 7 -13.28 -3.38 10.78
C ILE A 7 -11.87 -3.92 11.24
N PRO A 8 -11.03 -4.55 10.33
CA PRO A 8 -9.70 -5.12 10.69
C PRO A 8 -8.59 -4.01 10.73
N LYS A 9 -8.07 -3.73 11.95
CA LYS A 9 -6.99 -2.75 12.20
C LYS A 9 -5.88 -3.37 13.06
N TRP A 10 -4.68 -2.77 13.02
CA TRP A 10 -3.50 -3.31 13.80
C TRP A 10 -3.39 -2.78 15.28
N ARG A 11 -3.59 -3.74 16.24
CA ARG A 11 -3.52 -3.45 17.71
C ARG A 11 -2.03 -3.39 18.23
N LYS A 12 -1.25 -2.38 17.80
CA LYS A 12 0.16 -2.14 18.18
C LYS A 12 0.61 -0.76 17.48
N THR A 13 1.23 0.21 18.22
CA THR A 13 1.70 1.54 17.72
C THR A 13 3.00 1.50 16.92
N HIS A 14 4.11 0.96 17.42
CA HIS A 14 5.39 0.89 16.72
C HIS A 14 5.47 -0.25 15.63
N LEU A 15 5.64 -0.06 14.28
CA LEU A 15 5.65 -1.22 13.38
C LEU A 15 6.97 -1.95 13.08
N THR A 16 6.83 -3.01 12.29
CA THR A 16 7.97 -3.90 11.88
C THR A 16 7.65 -4.35 10.40
N TYR A 17 8.33 -3.85 9.41
CA TYR A 17 8.09 -4.25 7.96
C TYR A 17 9.31 -4.99 7.30
N ARG A 18 9.03 -5.86 6.33
CA ARG A 18 10.05 -6.62 5.57
C ARG A 18 9.83 -6.35 4.07
N ILE A 19 10.90 -6.02 3.32
CA ILE A 19 10.84 -5.87 1.82
C ILE A 19 11.12 -7.29 1.20
N VAL A 20 10.20 -7.82 0.32
CA VAL A 20 10.46 -9.23 -0.26
C VAL A 20 11.47 -9.16 -1.43
N ASN A 21 11.14 -8.52 -2.57
CA ASN A 21 12.04 -8.43 -3.73
C ASN A 21 11.82 -7.08 -4.50
N TYR A 22 12.79 -6.74 -5.33
CA TYR A 22 12.80 -5.50 -6.16
C TYR A 22 12.33 -5.84 -7.57
N THR A 23 11.52 -4.95 -8.14
CA THR A 23 11.03 -5.16 -9.56
C THR A 23 12.10 -4.79 -10.63
N PRO A 24 12.32 -5.52 -11.79
CA PRO A 24 13.31 -5.13 -12.88
C PRO A 24 13.18 -3.77 -13.61
N ASP A 25 11.96 -3.18 -13.60
CA ASP A 25 11.63 -1.85 -14.25
C ASP A 25 12.13 -0.57 -13.49
N LEU A 26 12.58 -0.72 -12.20
CA LEU A 26 13.08 0.38 -11.37
C LEU A 26 14.35 0.05 -10.52
N PRO A 27 15.28 1.01 -10.20
CA PRO A 27 16.44 0.71 -9.34
C PRO A 27 16.02 0.62 -7.86
N LYS A 28 16.88 0.07 -7.01
CA LYS A 28 16.62 -0.13 -5.55
C LYS A 28 16.24 1.12 -4.69
N ASP A 29 17.03 2.21 -4.88
CA ASP A 29 16.84 3.50 -4.10
C ASP A 29 15.49 4.23 -4.34
N ALA A 30 14.78 4.15 -5.52
CA ALA A 30 13.44 4.77 -5.66
C ALA A 30 12.32 3.92 -4.93
N VAL A 31 12.26 2.59 -5.13
CA VAL A 31 11.35 1.63 -4.44
C VAL A 31 11.41 1.80 -2.85
N ASP A 32 12.62 1.99 -2.36
CA ASP A 32 12.83 2.21 -0.94
C ASP A 32 12.52 3.69 -0.49
N SER A 33 12.76 4.68 -1.36
CA SER A 33 12.41 6.13 -1.05
C SER A 33 10.88 6.23 -0.79
N ALA A 34 9.98 5.71 -1.68
CA ALA A 34 8.48 5.73 -1.40
C ALA A 34 7.98 4.59 -0.50
N VAL A 35 8.61 3.42 -0.28
CA VAL A 35 8.13 2.49 0.81
C VAL A 35 8.24 3.39 2.12
N GLU A 36 9.38 4.08 2.30
CA GLU A 36 9.63 5.10 3.34
C GLU A 36 8.52 6.26 3.26
N LYS A 37 8.02 6.74 2.06
CA LYS A 37 6.89 7.70 2.05
C LYS A 37 5.56 7.05 2.65
N ALA A 38 5.14 5.82 2.35
CA ALA A 38 3.88 5.20 3.02
C ALA A 38 4.01 4.83 4.56
N LEU A 39 5.24 4.42 4.92
CA LEU A 39 5.70 4.03 6.33
C LEU A 39 5.54 5.27 7.16
N LYS A 40 6.19 6.38 6.74
CA LYS A 40 5.79 7.70 7.27
C LYS A 40 4.30 7.83 7.15
N VAL A 41 3.54 7.40 6.00
CA VAL A 41 2.04 7.66 5.86
C VAL A 41 1.27 7.52 7.26
N TRP A 42 1.66 6.33 7.75
CA TRP A 42 1.24 5.73 9.02
C TRP A 42 1.71 6.57 10.26
N GLU A 43 3.03 6.80 10.34
CA GLU A 43 3.70 7.71 11.33
C GLU A 43 3.16 9.21 11.36
N GLU A 44 2.72 9.78 10.24
CA GLU A 44 2.03 11.11 10.19
C GLU A 44 0.56 10.97 10.68
N VAL A 45 -0.15 9.77 10.45
CA VAL A 45 -1.54 9.47 11.02
C VAL A 45 -1.66 9.78 12.53
N THR A 46 -1.22 8.75 13.24
CA THR A 46 -1.20 8.74 14.73
C THR A 46 0.32 8.54 15.03
N PRO A 47 0.76 7.91 16.14
CA PRO A 47 2.21 7.59 16.24
C PRO A 47 2.49 6.18 15.52
N LEU A 48 2.04 5.73 14.28
CA LEU A 48 2.41 4.37 13.80
C LEU A 48 3.88 4.24 13.26
N THR A 49 4.73 3.55 14.04
CA THR A 49 6.19 3.36 13.73
C THR A 49 6.40 2.26 12.69
N PHE A 50 7.59 1.76 12.47
CA PHE A 50 8.04 0.83 11.45
C PHE A 50 9.56 0.52 11.53
N SER A 51 9.91 -0.78 11.60
CA SER A 51 11.36 -1.24 11.65
C SER A 51 11.70 -2.07 10.36
N ARG A 52 12.70 -1.71 9.56
CA ARG A 52 13.06 -2.39 8.22
C ARG A 52 13.77 -3.75 8.47
N LEU A 53 13.27 -4.76 7.78
CA LEU A 53 13.81 -6.11 7.80
C LEU A 53 13.97 -6.67 6.33
N TYR A 54 14.86 -7.66 6.27
CA TYR A 54 15.32 -8.39 5.11
C TYR A 54 15.19 -9.97 5.30
N GLU A 55 15.03 -10.43 6.56
CA GLU A 55 14.87 -11.85 6.92
C GLU A 55 13.71 -12.01 8.04
N GLY A 56 13.31 -13.22 8.37
CA GLY A 56 12.22 -13.44 9.40
C GLY A 56 10.76 -13.11 9.00
N GLU A 57 9.94 -13.09 10.09
CA GLU A 57 8.48 -12.83 10.03
C GLU A 57 8.04 -11.51 10.86
N ALA A 58 7.19 -10.76 10.23
CA ALA A 58 6.68 -9.47 10.72
C ALA A 58 5.56 -9.22 9.68
N ASP A 59 4.24 -9.47 9.94
CA ASP A 59 3.05 -9.37 8.98
C ASP A 59 2.61 -8.00 8.35
N ILE A 60 3.63 -7.60 7.65
CA ILE A 60 3.74 -6.45 6.70
C ILE A 60 5.07 -6.71 5.96
N MET A 61 4.88 -7.69 5.10
CA MET A 61 5.96 -8.17 4.21
C MET A 61 5.45 -7.60 2.87
N ILE A 62 6.13 -6.56 2.36
CA ILE A 62 5.72 -5.90 1.14
C ILE A 62 6.03 -6.87 -0.09
N SER A 63 4.97 -7.48 -0.76
CA SER A 63 5.27 -8.30 -1.91
C SER A 63 4.70 -8.30 -3.41
N PHE A 64 5.24 -9.42 -3.98
CA PHE A 64 5.26 -9.81 -5.45
C PHE A 64 5.06 -11.31 -5.94
N ALA A 65 4.51 -11.37 -7.18
CA ALA A 65 4.23 -12.61 -7.94
C ALA A 65 4.12 -12.40 -9.49
N VAL A 66 5.16 -12.96 -10.10
CA VAL A 66 5.25 -13.02 -11.59
C VAL A 66 4.28 -14.15 -12.15
N ARG A 67 3.03 -13.73 -12.35
CA ARG A 67 1.89 -14.63 -12.84
C ARG A 67 1.22 -15.56 -11.72
N GLU A 68 2.01 -16.46 -11.14
CA GLU A 68 1.46 -17.39 -10.09
C GLU A 68 2.57 -17.79 -9.08
N HIS A 69 2.07 -18.25 -7.91
CA HIS A 69 3.00 -18.75 -6.83
C HIS A 69 2.37 -19.95 -6.03
N GLY A 70 1.13 -19.85 -5.49
CA GLY A 70 0.47 -20.95 -4.71
C GLY A 70 -0.31 -20.50 -3.45
N ASP A 71 -1.45 -19.84 -3.67
CA ASP A 71 -2.28 -19.32 -2.54
C ASP A 71 -3.74 -19.43 -2.91
N PHE A 72 -4.29 -18.37 -3.54
CA PHE A 72 -5.74 -18.37 -3.91
C PHE A 72 -6.19 -17.57 -5.18
N TYR A 73 -5.60 -16.40 -5.43
CA TYR A 73 -6.01 -15.52 -6.54
C TYR A 73 -5.01 -15.47 -7.76
N PRO A 74 -5.16 -16.16 -8.93
CA PRO A 74 -4.26 -16.00 -10.13
C PRO A 74 -4.22 -14.57 -10.74
N PHE A 75 -3.17 -14.21 -11.46
CA PHE A 75 -3.03 -12.85 -12.06
C PHE A 75 -3.32 -12.86 -13.60
N ASP A 76 -3.72 -11.61 -13.99
CA ASP A 76 -4.02 -11.26 -15.40
C ASP A 76 -2.80 -10.80 -16.32
N GLY A 77 -1.71 -10.25 -15.72
CA GLY A 77 -0.58 -9.74 -16.54
C GLY A 77 -0.78 -8.19 -16.73
N PRO A 78 -0.88 -7.55 -17.89
CA PRO A 78 -1.20 -6.11 -18.01
C PRO A 78 -2.61 -5.63 -17.61
N GLY A 79 -2.75 -4.43 -17.06
CA GLY A 79 -4.07 -3.82 -16.70
C GLY A 79 -4.85 -4.37 -15.44
N ASN A 80 -5.79 -3.55 -14.92
CA ASN A 80 -6.73 -3.89 -13.72
C ASN A 80 -6.01 -4.18 -12.33
N VAL A 81 -5.86 -5.44 -11.94
CA VAL A 81 -5.26 -5.88 -10.62
C VAL A 81 -3.80 -5.33 -10.44
N LEU A 82 -3.61 -4.55 -9.38
CA LEU A 82 -2.30 -4.06 -8.96
C LEU A 82 -1.72 -5.27 -8.17
N ALA A 83 -2.24 -5.75 -7.05
CA ALA A 83 -1.74 -6.89 -6.35
C ALA A 83 -2.96 -7.65 -5.76
N HIS A 84 -2.59 -8.76 -5.16
CA HIS A 84 -3.50 -9.25 -4.10
C HIS A 84 -2.63 -8.53 -2.95
N ALA A 85 -3.30 -7.37 -2.64
CA ALA A 85 -2.81 -6.35 -1.73
C ALA A 85 -3.45 -6.89 -0.36
N TYR A 86 -2.81 -7.69 0.57
CA TYR A 86 -3.68 -8.22 1.70
C TYR A 86 -3.65 -7.41 3.06
N ALA A 87 -4.90 -7.19 3.54
CA ALA A 87 -5.37 -6.42 4.72
C ALA A 87 -5.10 -6.91 6.19
N PRO A 88 -5.33 -6.19 7.32
CA PRO A 88 -4.96 -6.67 8.67
C PRO A 88 -5.57 -8.10 9.16
N GLY A 89 -4.66 -8.85 9.78
CA GLY A 89 -4.98 -10.17 10.25
C GLY A 89 -3.75 -11.11 10.33
N PRO A 90 -3.91 -12.45 10.46
CA PRO A 90 -2.76 -13.40 10.57
C PRO A 90 -2.20 -13.99 9.23
N GLY A 91 -0.84 -14.04 9.07
CA GLY A 91 -0.18 -14.61 7.88
C GLY A 91 -0.53 -13.97 6.48
N ILE A 92 -1.37 -14.68 5.72
CA ILE A 92 -1.85 -14.18 4.37
C ILE A 92 -2.51 -12.71 4.50
N ASN A 93 -3.25 -12.36 5.58
CA ASN A 93 -3.80 -10.97 5.80
C ASN A 93 -2.64 -10.01 6.32
N GLY A 94 -2.15 -8.99 5.59
CA GLY A 94 -1.07 -8.02 6.11
C GLY A 94 -0.17 -7.23 5.16
N ASP A 95 0.29 -8.21 4.38
CA ASP A 95 1.37 -8.21 3.38
C ASP A 95 0.81 -8.28 1.97
N ALA A 96 1.64 -7.67 1.08
CA ALA A 96 1.46 -7.60 -0.38
C ALA A 96 2.05 -8.79 -1.20
N HIS A 97 1.60 -8.82 -2.46
CA HIS A 97 1.81 -9.82 -3.54
C HIS A 97 1.39 -9.15 -4.89
N PHE A 98 2.27 -8.49 -5.66
CA PHE A 98 2.01 -7.92 -6.99
C PHE A 98 1.92 -9.05 -8.03
N ASP A 99 1.46 -8.62 -9.17
CA ASP A 99 1.49 -9.45 -10.36
C ASP A 99 2.93 -9.16 -10.98
N ASP A 100 3.32 -9.79 -12.11
CA ASP A 100 4.39 -9.15 -13.02
C ASP A 100 3.39 -8.11 -13.65
N ASP A 101 3.27 -7.02 -12.90
CA ASP A 101 2.21 -6.05 -13.10
C ASP A 101 2.36 -5.02 -14.21
N GLU A 102 2.92 -3.88 -13.92
CA GLU A 102 3.04 -2.82 -14.91
C GLU A 102 4.53 -2.37 -15.14
N GLN A 103 4.69 -1.40 -16.02
CA GLN A 103 6.05 -0.82 -16.34
C GLN A 103 6.26 0.35 -15.29
N TRP A 104 6.92 -0.08 -14.14
CA TRP A 104 7.15 0.82 -13.03
C TRP A 104 8.03 2.05 -13.31
N THR A 105 7.52 3.23 -12.94
CA THR A 105 8.16 4.53 -13.10
C THR A 105 8.00 5.39 -11.80
N LYS A 106 8.99 6.26 -11.66
CA LYS A 106 9.12 7.32 -10.66
C LYS A 106 8.08 8.52 -10.96
N ASP A 107 7.87 8.78 -12.24
CA ASP A 107 6.90 9.78 -12.80
C ASP A 107 5.60 9.04 -13.38
N THR A 108 4.60 9.78 -13.87
CA THR A 108 3.35 9.18 -14.43
C THR A 108 3.45 8.56 -15.83
N THR A 109 4.46 8.88 -16.68
CA THR A 109 4.70 8.32 -18.07
C THR A 109 4.46 6.80 -18.22
N GLY A 110 5.13 5.95 -17.42
CA GLY A 110 4.94 4.52 -17.45
C GLY A 110 3.88 3.98 -16.51
N THR A 111 4.16 3.97 -15.20
CA THR A 111 3.17 3.63 -14.13
C THR A 111 3.74 4.10 -12.77
N ASN A 112 3.15 5.11 -12.13
CA ASN A 112 3.71 5.68 -10.89
C ASN A 112 3.67 4.74 -9.67
N LEU A 113 4.88 4.37 -9.19
CA LEU A 113 5.01 3.53 -7.97
C LEU A 113 4.58 4.19 -6.64
N PHE A 114 4.67 5.51 -6.47
CA PHE A 114 4.13 6.26 -5.27
C PHE A 114 2.63 6.01 -5.02
N LEU A 115 1.82 6.42 -6.06
CA LEU A 115 0.33 6.24 -6.06
C LEU A 115 -0.07 4.76 -5.70
N VAL A 116 0.42 3.76 -6.46
CA VAL A 116 0.18 2.33 -6.24
C VAL A 116 0.71 1.82 -4.86
N ALA A 117 1.94 2.13 -4.41
CA ALA A 117 2.43 1.74 -3.05
C ALA A 117 1.56 2.40 -1.95
N ALA A 118 1.22 3.72 -1.92
CA ALA A 118 0.34 4.31 -0.90
C ALA A 118 -1.12 3.66 -0.91
N HIS A 119 -1.72 3.32 -2.04
CA HIS A 119 -3.07 2.66 -2.12
C HIS A 119 -3.04 1.13 -1.72
N GLU A 120 -2.11 0.33 -2.28
CA GLU A 120 -1.98 -1.11 -1.85
C GLU A 120 -1.45 -1.28 -0.40
N ILE A 121 -0.44 -0.50 0.06
CA ILE A 121 -0.08 -0.53 1.52
C ILE A 121 -1.36 -0.03 2.37
N GLY A 122 -2.15 0.94 1.85
CA GLY A 122 -3.41 1.37 2.47
C GLY A 122 -4.44 0.18 2.66
N HIS A 123 -4.61 -0.64 1.61
CA HIS A 123 -5.35 -1.92 1.64
C HIS A 123 -4.66 -2.83 2.69
N SER A 124 -3.32 -2.96 2.80
CA SER A 124 -2.73 -3.75 3.89
C SER A 124 -2.90 -3.21 5.32
N LEU A 125 -3.13 -1.90 5.49
CA LEU A 125 -3.30 -1.28 6.85
C LEU A 125 -4.76 -1.08 7.41
N GLY A 126 -5.85 -1.38 6.63
CA GLY A 126 -7.26 -1.23 7.12
C GLY A 126 -8.35 -0.58 6.25
N LEU A 127 -8.01 0.44 5.45
CA LEU A 127 -8.97 1.11 4.55
C LEU A 127 -9.27 0.36 3.24
N PHE A 128 -10.54 0.21 2.83
CA PHE A 128 -10.93 -0.54 1.59
C PHE A 128 -11.11 0.44 0.38
N HIS A 129 -12.35 0.80 -0.03
CA HIS A 129 -12.62 1.65 -1.23
C HIS A 129 -13.50 2.90 -0.98
N SER A 130 -12.89 4.09 -1.22
CA SER A 130 -13.54 5.38 -1.07
C SER A 130 -14.09 5.87 -2.41
N ALA A 131 -15.45 6.09 -2.51
CA ALA A 131 -16.04 6.61 -3.78
C ALA A 131 -15.93 8.19 -3.87
N ASN A 132 -14.73 8.68 -4.24
CA ASN A 132 -14.41 10.11 -4.32
C ASN A 132 -13.54 10.56 -5.55
N THR A 133 -12.48 9.85 -5.89
CA THR A 133 -11.53 10.11 -7.05
C THR A 133 -10.23 10.72 -6.45
N GLU A 134 -10.30 11.94 -5.85
CA GLU A 134 -9.11 12.61 -5.23
C GLU A 134 -8.62 11.99 -3.88
N ALA A 135 -9.45 11.21 -3.17
CA ALA A 135 -9.05 10.52 -1.89
C ALA A 135 -8.03 9.35 -1.98
N LEU A 136 -7.38 9.06 -3.16
CA LEU A 136 -6.39 7.92 -3.27
C LEU A 136 -7.02 6.51 -3.27
N MET A 137 -7.84 6.12 -2.24
CA MET A 137 -8.53 4.77 -2.17
C MET A 137 -9.72 4.56 -3.19
N TYR A 138 -9.55 5.03 -4.42
CA TYR A 138 -10.57 4.89 -5.52
C TYR A 138 -10.35 3.55 -6.28
N PRO A 139 -11.35 2.70 -6.66
CA PRO A 139 -11.12 1.40 -7.38
C PRO A 139 -10.19 1.33 -8.65
N LEU A 140 -10.05 2.41 -9.42
CA LEU A 140 -9.20 2.42 -10.66
C LEU A 140 -8.07 3.49 -10.65
N TYR A 141 -6.89 3.12 -11.16
CA TYR A 141 -5.72 4.02 -11.33
C TYR A 141 -5.94 4.90 -12.64
N HIS A 142 -5.97 6.23 -12.42
CA HIS A 142 -6.19 7.23 -13.52
C HIS A 142 -4.93 7.72 -14.19
N SER A 143 -4.50 8.99 -14.04
CA SER A 143 -3.32 9.57 -14.72
C SER A 143 -3.11 10.98 -14.11
N LEU A 144 -2.41 11.12 -12.95
CA LEU A 144 -2.08 12.44 -12.32
C LEU A 144 -0.74 12.95 -12.98
N THR A 145 -0.90 13.76 -14.02
CA THR A 145 0.24 14.39 -14.76
C THR A 145 1.19 15.27 -13.92
N ASP A 146 0.57 16.06 -13.08
CA ASP A 146 1.28 16.96 -12.13
C ASP A 146 1.31 16.29 -10.74
N LEU A 147 2.32 15.43 -10.48
CA LEU A 147 2.47 14.72 -9.17
C LEU A 147 2.63 15.60 -7.89
N THR A 148 2.97 16.90 -8.04
CA THR A 148 3.01 17.84 -6.89
C THR A 148 1.60 18.09 -6.26
N ARG A 149 0.51 18.01 -7.04
CA ARG A 149 -0.91 18.15 -6.51
C ARG A 149 -1.46 16.85 -5.76
N PHE A 150 -0.62 15.79 -5.54
CA PHE A 150 -1.06 14.57 -4.88
C PHE A 150 -1.02 14.69 -3.36
N ARG A 151 -2.16 15.05 -2.77
CA ARG A 151 -2.33 15.25 -1.30
C ARG A 151 -3.46 14.32 -0.78
N LEU A 152 -3.43 13.91 0.50
CA LEU A 152 -4.46 12.99 1.07
C LEU A 152 -5.70 13.86 1.48
N SER A 153 -6.87 13.56 0.87
CA SER A 153 -8.09 14.33 1.12
C SER A 153 -8.60 14.27 2.58
N GLN A 154 -9.47 15.25 2.94
CA GLN A 154 -10.00 15.38 4.32
C GLN A 154 -10.84 14.11 4.78
N ASP A 155 -11.58 13.47 3.90
CA ASP A 155 -12.41 12.25 4.13
C ASP A 155 -11.63 11.10 4.83
N ASP A 156 -10.48 10.73 4.22
CA ASP A 156 -9.57 9.73 4.77
C ASP A 156 -9.00 10.23 6.15
N ILE A 157 -8.47 11.49 6.29
CA ILE A 157 -7.95 12.03 7.59
C ILE A 157 -9.02 11.92 8.71
N ASN A 158 -10.26 12.49 8.52
CA ASN A 158 -11.37 12.41 9.54
C ASN A 158 -11.66 10.91 9.92
N GLY A 159 -11.89 10.02 8.90
CA GLY A 159 -12.12 8.60 9.20
C GLY A 159 -11.04 7.88 10.05
N ILE A 160 -9.74 7.96 9.67
CA ILE A 160 -8.65 7.26 10.48
C ILE A 160 -8.22 7.94 11.77
N GLN A 161 -8.53 9.20 11.88
CA GLN A 161 -8.48 9.93 13.16
C GLN A 161 -9.53 9.24 14.13
N SER A 162 -10.75 9.01 13.61
CA SER A 162 -11.81 8.30 14.33
C SER A 162 -11.46 6.76 14.38
N LEU A 163 -10.43 6.24 13.60
CA LEU A 163 -10.02 4.78 13.61
C LEU A 163 -8.89 4.53 14.67
N TYR A 164 -7.66 4.99 14.56
CA TYR A 164 -6.57 4.72 15.57
C TYR A 164 -6.49 5.81 16.78
N GLY A 165 -7.09 7.03 16.64
CA GLY A 165 -7.02 8.09 17.66
C GLY A 165 -6.01 9.22 17.23
N PRO A 166 -6.33 10.53 17.06
CA PRO A 166 -5.40 11.60 16.56
C PRO A 166 -3.91 11.69 16.99
N PRO A 167 -3.00 12.37 16.26
CA PRO A 167 -1.54 12.37 16.61
C PRO A 167 -1.13 13.24 17.91
N PRO A 168 -0.21 12.77 18.84
CA PRO A 168 0.21 13.58 19.99
C PRO A 168 1.36 14.65 19.76
ZN ZN B . -7.84 -1.03 -4.95
ZN ZN C . -0.12 -14.37 -2.08
CA CA D . -2.21 -6.17 -13.80
CA CA E . -0.35 -10.69 4.63
CA CA F . 6.46 -5.41 -14.52
C1 ATT G . -9.34 -8.20 -0.08
C2 ATT G . -9.72 -8.23 1.45
C3 ATT G . -7.69 -9.39 2.29
C7 ATT G . -7.56 -9.17 -4.33
C8 ATT G . -8.68 -8.92 -5.14
C9 ATT G . -9.96 -9.03 -4.59
C10 ATT G . -10.13 -9.26 -3.23
C11 ATT G . -6.98 -5.34 -3.04
C12 ATT G . -7.09 -4.11 -5.14
N3 ATT G . -5.95 -4.76 -4.93
N4 ATT G . -5.96 -5.45 -3.76
S1 ATT G . -8.17 -4.28 -3.77
S2 ATT G . -7.34 -3.19 -6.44
N ATT G . -7.08 -6.02 -1.78
C ATT G . -8.22 -6.30 -1.19
O ATT G . -9.27 -5.80 -1.65
N1 ATT G . -8.20 -7.26 -0.30
O1 ATT G . -10.80 -7.84 1.90
N2 ATT G . -9.01 -8.69 2.45
C4 ATT G . -9.15 -9.54 -0.87
C5 ATT G . -9.02 -9.44 -2.40
C6 ATT G . -7.76 -9.43 -2.96
H1 ATT G . -10.25 -7.74 -0.53
H31 ATT G . -7.18 -9.43 3.23
H32 ATT G . -7.03 -9.02 1.53
H33 ATT G . -7.89 -10.44 2.04
H7 ATT G . -6.59 -9.12 -4.73
H8 ATT G . -8.57 -8.70 -6.17
H9 ATT G . -10.80 -8.93 -5.24
H10 ATT G . -11.09 -9.25 -2.79
HN ATT G . -6.23 -6.46 -1.43
HN1 ATT G . -7.23 -7.53 -0.03
HN2 ATT G . -9.50 -8.65 3.35
H41 ATT G . -8.30 -10.05 -0.39
H42 ATT G . -10.02 -10.19 -0.67
H6 ATT G . -6.93 -9.45 -2.29
#